data_4Y1U
#
_entry.id   4Y1U
#
_cell.length_a   43.300
_cell.length_b   58.234
_cell.length_c   111.649
_cell.angle_alpha   90.000
_cell.angle_beta   90.000
_cell.angle_gamma   90.000
#
_symmetry.space_group_name_H-M   'P 21 21 21'
#
loop_
_entity.id
_entity.type
_entity.pdbx_description
1 polymer Galectin-1
2 branched 'beta-D-galactopyranose-(1-4)-methyl 2-acetamido-2-deoxy-beta-D-glucopyranoside'
3 water water
#
_entity_poly.entity_id   1
_entity_poly.type   'polypeptide(L)'
_entity_poly.pdbx_seq_one_letter_code
;MGSSHHHHHHSSGLVPRGSHMCGLVASNLNLKPGE(CSO)LRVRGEVAPDAKSFVLNLGKDSNNL(CSO)LHFNPRFNAH
GDANTIV(CSO)NSKDGGAWGTEQREAVFPFQPGSVAEV(CSO)ITFDQANLTVKLPDGYEFKFPNRLNLEAINYMAADG
DFKIK(CSO)VAFD
;
_entity_poly.pdbx_strand_id   B,A
#
# COMPACT_ATOMS: atom_id res chain seq x y z
N CYS A 22 5.96 5.43 11.24
CA CYS A 22 6.12 4.14 11.89
C CYS A 22 5.19 3.16 11.20
N GLY A 23 4.27 3.71 10.44
CA GLY A 23 3.26 2.88 9.80
C GLY A 23 3.59 2.63 8.36
N LEU A 24 2.58 2.15 7.65
CA LEU A 24 2.73 1.79 6.24
C LEU A 24 3.15 3.00 5.45
N VAL A 25 4.05 2.77 4.51
CA VAL A 25 4.45 3.78 3.55
C VAL A 25 4.23 3.25 2.15
N ALA A 26 3.52 3.99 1.31
CA ALA A 26 3.32 3.49 -0.08
C ALA A 26 3.78 4.54 -1.07
N SER A 27 4.50 4.11 -2.11
CA SER A 27 4.96 5.04 -3.11
C SER A 27 4.64 4.53 -4.53
N ASN A 28 4.88 5.40 -5.50
CA ASN A 28 4.43 5.23 -6.88
C ASN A 28 2.93 5.01 -7.04
N LEU A 29 2.13 5.70 -6.24
CA LEU A 29 0.67 5.58 -6.24
C LEU A 29 0.02 6.09 -7.53
N ASN A 30 0.65 7.09 -8.12
CA ASN A 30 0.16 7.74 -9.32
C ASN A 30 -1.35 8.08 -9.32
N LEU A 31 -1.84 8.61 -8.21
CA LEU A 31 -3.25 8.98 -8.07
C LEU A 31 -3.47 10.34 -8.70
N LYS A 32 -4.29 10.38 -9.76
CA LYS A 32 -4.49 11.62 -10.50
C LYS A 32 -5.70 12.40 -9.98
N PRO A 33 -5.83 13.70 -10.37
CA PRO A 33 -7.01 14.46 -9.94
C PRO A 33 -8.29 13.73 -10.19
N GLY A 34 -9.16 13.75 -9.19
CA GLY A 34 -10.44 13.11 -9.31
C GLY A 34 -10.44 11.63 -8.95
N GLU A 35 -9.29 10.97 -8.94
CA GLU A 35 -9.22 9.54 -8.57
C GLU A 35 -9.37 9.45 -7.07
N LEU A 37 -8.61 7.61 -3.37
CA LEU A 37 -7.78 6.74 -2.53
C LEU A 37 -8.62 6.36 -1.32
N ARG A 38 -8.92 5.08 -1.14
CA ARG A 38 -9.72 4.67 0.03
C ARG A 38 -8.82 3.94 1.01
N VAL A 39 -8.90 4.36 2.27
CA VAL A 39 -8.07 3.80 3.35
C VAL A 39 -8.88 3.43 4.57
N ARG A 40 -8.70 2.20 5.04
CA ARG A 40 -9.31 1.70 6.27
C ARG A 40 -8.22 1.25 7.22
N GLY A 41 -8.35 1.65 8.47
CA GLY A 41 -7.38 1.29 9.48
C GLY A 41 -7.98 1.27 10.86
N GLU A 42 -7.20 0.79 11.81
CA GLU A 42 -7.60 0.66 13.19
C GLU A 42 -6.92 1.76 13.98
N VAL A 43 -7.71 2.59 14.64
CA VAL A 43 -7.19 3.60 15.54
C VAL A 43 -6.90 2.90 16.88
N ALA A 44 -5.66 3.01 17.36
CA ALA A 44 -5.24 2.30 18.58
C ALA A 44 -6.13 2.71 19.77
N PRO A 45 -6.37 1.77 20.69
CA PRO A 45 -7.24 1.94 21.87
C PRO A 45 -6.87 3.11 22.77
N ASP A 46 -5.58 3.39 22.82
CA ASP A 46 -5.06 4.45 23.69
C ASP A 46 -4.61 5.65 22.87
N ALA A 47 -5.14 5.77 21.65
CA ALA A 47 -4.66 6.75 20.69
C ALA A 47 -4.59 8.18 21.23
N LYS A 48 -3.44 8.83 21.02
CA LYS A 48 -3.27 10.25 21.30
C LYS A 48 -3.43 11.05 20.01
N SER A 49 -2.99 10.47 18.89
CA SER A 49 -3.18 11.09 17.59
C SER A 49 -2.78 10.12 16.51
N PHE A 50 -3.21 10.39 15.28
CA PHE A 50 -2.62 9.65 14.17
C PHE A 50 -2.47 10.56 12.95
N VAL A 51 -1.69 10.06 12.00
CA VAL A 51 -1.30 10.86 10.86
C VAL A 51 -1.51 10.08 9.57
N LEU A 52 -2.11 10.72 8.57
CA LEU A 52 -1.99 10.20 7.20
C LEU A 52 -1.34 11.28 6.37
N ASN A 53 -0.16 10.97 5.82
CA ASN A 53 0.54 11.92 4.96
C ASN A 53 0.41 11.56 3.50
N LEU A 54 0.11 12.55 2.67
CA LEU A 54 -0.07 12.38 1.23
C LEU A 54 0.73 13.40 0.40
N GLY A 55 1.40 12.96 -0.66
CA GLY A 55 2.01 13.93 -1.55
C GLY A 55 2.92 13.27 -2.57
N LYS A 56 4.09 13.89 -2.80
CA LYS A 56 5.05 13.38 -3.75
C LYS A 56 6.07 12.45 -3.07
N ASP A 57 6.50 12.86 -1.87
CA ASP A 57 7.47 12.11 -1.07
C ASP A 57 7.43 12.68 0.35
N SER A 58 8.29 12.22 1.26
CA SER A 58 8.13 12.62 2.66
C SER A 58 8.39 14.12 2.91
N ASN A 59 9.06 14.79 1.97
CA ASN A 59 9.36 16.23 2.11
C ASN A 59 8.41 17.14 1.35
N ASN A 60 7.47 16.55 0.62
CA ASN A 60 6.55 17.30 -0.22
C ASN A 60 5.18 16.72 -0.06
N LEU A 61 4.44 17.25 0.91
CA LEU A 61 3.15 16.72 1.29
C LEU A 61 2.06 17.70 0.95
N LEU A 63 -0.98 16.99 1.69
CA LEU A 63 -1.85 16.89 2.90
C LEU A 63 -1.18 16.08 4.00
N HIS A 64 -1.03 16.72 5.14
CA HIS A 64 -0.70 16.09 6.40
C HIS A 64 -1.97 16.13 7.18
N PHE A 65 -2.61 14.99 7.39
CA PHE A 65 -3.94 14.94 7.98
C PHE A 65 -3.80 14.34 9.37
N ASN A 66 -3.97 15.19 10.41
CA ASN A 66 -3.57 14.76 11.76
C ASN A 66 -4.64 14.95 12.84
N PRO A 67 -5.53 13.97 12.97
CA PRO A 67 -6.49 13.98 14.08
C PRO A 67 -5.79 13.81 15.41
N ARG A 68 -5.98 14.79 16.28
CA ARG A 68 -5.38 14.79 17.62
C ARG A 68 -6.44 14.57 18.68
N PHE A 69 -6.38 13.43 19.35
CA PHE A 69 -7.28 13.18 20.47
C PHE A 69 -6.84 14.00 21.67
N ASN A 70 -5.55 13.89 21.97
CA ASN A 70 -4.93 14.63 23.06
C ASN A 70 -3.43 14.68 22.78
N ALA A 71 -2.99 15.63 21.97
CA ALA A 71 -1.58 15.70 21.58
C ALA A 71 -1.19 17.10 21.16
N HIS A 72 0.04 17.49 21.51
CA HIS A 72 0.64 18.76 21.11
C HIS A 72 -0.17 19.98 21.55
N GLY A 73 -0.92 19.84 22.64
CA GLY A 73 -1.75 20.94 23.13
C GLY A 73 -3.17 20.94 22.60
N ASP A 74 -3.47 20.08 21.63
CA ASP A 74 -4.82 20.00 21.08
C ASP A 74 -5.63 18.85 21.68
N ALA A 75 -6.93 19.07 21.81
CA ALA A 75 -7.83 18.00 22.25
C ALA A 75 -8.93 17.86 21.20
N ASN A 76 -9.18 16.62 20.77
CA ASN A 76 -10.19 16.32 19.75
C ASN A 76 -10.28 17.35 18.65
N THR A 77 -9.15 17.60 18.02
CA THR A 77 -9.04 18.56 16.95
C THR A 77 -8.31 17.94 15.77
N ILE A 78 -8.81 18.12 14.56
CA ILE A 78 -8.02 17.72 13.39
C ILE A 78 -7.10 18.86 12.96
N VAL A 79 -5.81 18.58 12.85
CA VAL A 79 -4.85 19.53 12.33
C VAL A 79 -4.47 19.08 10.95
N ASN A 81 -1.98 20.17 7.46
CA ASN A 81 -0.94 21.08 7.01
C ASN A 81 -0.38 20.57 5.70
N SER A 82 0.50 21.36 5.08
CA SER A 82 1.28 20.95 3.91
C SER A 82 2.74 20.95 4.32
N LYS A 83 3.57 20.31 3.49
CA LYS A 83 5.00 20.43 3.65
C LYS A 83 5.60 20.59 2.26
N ASP A 84 6.41 21.60 2.08
CA ASP A 84 6.88 21.96 0.76
C ASP A 84 8.41 22.09 0.80
N GLY A 85 9.10 21.17 0.15
CA GLY A 85 10.56 21.18 0.19
C GLY A 85 11.10 21.10 1.59
N GLY A 86 10.42 20.35 2.44
CA GLY A 86 10.89 20.13 3.80
C GLY A 86 10.33 21.14 4.80
N ALA A 87 9.66 22.17 4.32
CA ALA A 87 9.15 23.26 5.19
C ALA A 87 7.66 23.10 5.47
N TRP A 88 7.29 22.95 6.75
CA TRP A 88 5.85 22.93 7.10
C TRP A 88 5.19 24.25 6.72
N GLY A 89 3.99 24.16 6.17
CA GLY A 89 3.20 25.35 5.90
C GLY A 89 2.43 25.78 7.13
N THR A 90 1.38 26.57 6.92
CA THR A 90 0.52 27.02 8.01
C THR A 90 -0.60 26.06 8.34
N GLU A 91 -0.75 25.70 9.60
CA GLU A 91 -1.78 24.71 9.99
C GLU A 91 -3.20 25.25 9.81
N GLN A 92 -4.10 24.34 9.45
CA GLN A 92 -5.54 24.60 9.41
C GLN A 92 -6.21 23.62 10.40
N ARG A 93 -7.15 24.15 11.18
CA ARG A 93 -7.84 23.37 12.20
C ARG A 93 -9.31 23.40 12.00
N GLU A 94 -9.93 22.30 12.40
CA GLU A 94 -11.37 22.08 12.31
C GLU A 94 -12.01 21.92 13.71
N ALA A 95 -13.27 22.33 13.88
CA ALA A 95 -13.98 22.07 15.15
C ALA A 95 -14.53 20.62 15.18
N VAL A 96 -14.98 20.14 14.03
CA VAL A 96 -15.63 18.84 14.01
C VAL A 96 -14.65 17.67 14.12
N PHE A 97 -14.98 16.68 14.96
CA PHE A 97 -14.03 15.58 15.23
C PHE A 97 -14.69 14.20 15.36
N PRO A 98 -14.90 13.52 14.23
CA PRO A 98 -15.58 12.22 14.15
C PRO A 98 -14.65 11.02 14.21
N PHE A 99 -13.65 11.03 15.10
CA PHE A 99 -12.79 9.87 15.30
C PHE A 99 -12.84 9.48 16.76
N GLN A 100 -12.75 8.18 17.03
CA GLN A 100 -12.70 7.67 18.41
C GLN A 100 -11.58 6.66 18.53
N PRO A 101 -10.85 6.68 19.65
CA PRO A 101 -9.78 5.70 19.92
C PRO A 101 -10.34 4.27 19.91
N GLY A 102 -9.53 3.31 19.49
CA GLY A 102 -9.94 1.92 19.57
C GLY A 102 -11.01 1.55 18.56
N SER A 103 -11.06 2.30 17.47
CA SER A 103 -12.09 2.07 16.48
C SER A 103 -11.52 1.94 15.08
N VAL A 104 -12.33 1.44 14.17
CA VAL A 104 -11.97 1.43 12.76
C VAL A 104 -12.35 2.77 12.11
N ALA A 105 -11.42 3.33 11.36
CA ALA A 105 -11.66 4.57 10.64
C ALA A 105 -11.47 4.29 9.16
N GLU A 106 -12.42 4.78 8.35
CA GLU A 106 -12.34 4.71 6.89
C GLU A 106 -12.32 6.13 6.32
N VAL A 107 -11.41 6.43 5.40
CA VAL A 107 -11.44 7.74 4.71
C VAL A 107 -11.34 7.54 3.20
N ILE A 109 -9.98 9.74 -0.03
CA ILE A 109 -9.26 10.98 -0.35
C ILE A 109 -9.18 11.22 -1.85
N THR A 110 -9.42 12.48 -2.22
CA THR A 110 -9.27 12.92 -3.60
C THR A 110 -8.74 14.35 -3.65
N PHE A 111 -8.34 14.83 -4.83
CA PHE A 111 -7.92 16.23 -4.96
C PHE A 111 -8.25 16.77 -6.33
N ASP A 112 -8.38 18.11 -6.42
CA ASP A 112 -8.46 18.78 -7.69
C ASP A 112 -7.54 19.98 -7.62
N GLN A 113 -7.71 20.87 -8.59
CA GLN A 113 -6.85 22.01 -8.72
C GLN A 113 -6.94 22.89 -7.46
N ALA A 114 -8.09 22.85 -6.79
CA ALA A 114 -8.31 23.80 -5.68
C ALA A 114 -8.04 23.22 -4.29
N ASN A 115 -8.53 22.01 -4.05
CA ASN A 115 -8.53 21.40 -2.73
C ASN A 115 -8.21 19.95 -2.71
N LEU A 116 -7.67 19.52 -1.56
CA LEU A 116 -7.76 18.13 -1.17
C LEU A 116 -9.05 17.91 -0.43
N THR A 117 -9.67 16.75 -0.64
CA THR A 117 -10.91 16.46 0.07
C THR A 117 -10.83 15.14 0.80
N VAL A 118 -11.12 15.14 2.09
CA VAL A 118 -11.11 13.89 2.87
C VAL A 118 -12.52 13.60 3.28
N LYS A 119 -13.07 12.50 2.80
CA LYS A 119 -14.46 12.15 3.06
C LYS A 119 -14.57 10.96 4.00
N LEU A 120 -15.52 10.97 4.92
CA LEU A 120 -15.79 9.80 5.77
C LEU A 120 -17.12 9.22 5.33
N PRO A 121 -17.33 7.91 5.56
CA PRO A 121 -18.59 7.28 5.17
C PRO A 121 -19.84 8.03 5.64
N ASP A 122 -19.84 8.48 6.89
CA ASP A 122 -21.02 9.12 7.50
C ASP A 122 -21.42 10.43 6.83
N GLY A 123 -20.57 10.95 5.93
CA GLY A 123 -20.90 12.18 5.23
C GLY A 123 -20.07 13.37 5.64
N TYR A 124 -19.11 13.17 6.54
CA TYR A 124 -18.26 14.29 6.91
C TYR A 124 -17.29 14.52 5.78
N GLU A 125 -16.99 15.76 5.54
CA GLU A 125 -16.09 16.07 4.46
C GLU A 125 -15.17 17.20 4.90
N PHE A 126 -13.87 16.96 4.78
CA PHE A 126 -12.90 17.98 5.14
C PHE A 126 -12.19 18.45 3.90
N LYS A 127 -11.98 19.76 3.78
CA LYS A 127 -11.26 20.26 2.63
C LYS A 127 -10.03 21.03 3.11
N PHE A 128 -8.96 20.91 2.34
CA PHE A 128 -7.71 21.59 2.65
C PHE A 128 -7.16 22.15 1.33
N PRO A 129 -6.76 23.42 1.30
CA PRO A 129 -6.31 23.99 0.02
C PRO A 129 -5.16 23.24 -0.58
N ASN A 130 -5.18 23.06 -1.91
CA ASN A 130 -4.09 22.44 -2.65
C ASN A 130 -2.97 23.43 -2.86
N ARG A 131 -1.92 23.33 -2.03
CA ARG A 131 -0.85 24.33 -2.01
C ARG A 131 0.33 24.01 -2.90
N LEU A 132 0.46 22.74 -3.29
CA LEU A 132 1.63 22.26 -4.00
C LEU A 132 1.39 22.09 -5.50
N ASN A 133 0.12 21.91 -5.86
CA ASN A 133 -0.22 21.92 -7.28
C ASN A 133 0.49 20.76 -8.01
N LEU A 134 0.62 19.61 -7.35
CA LEU A 134 1.31 18.47 -7.99
C LEU A 134 0.39 17.73 -8.97
N GLU A 135 0.97 17.13 -10.01
CA GLU A 135 0.18 16.40 -11.00
C GLU A 135 -0.51 15.17 -10.38
N ALA A 136 0.10 14.57 -9.37
CA ALA A 136 -0.45 13.37 -8.76
C ALA A 136 -0.07 13.23 -7.32
N ILE A 137 -0.84 12.45 -6.57
CA ILE A 137 -0.38 11.91 -5.30
C ILE A 137 0.37 10.62 -5.52
N ASN A 138 1.66 10.62 -5.19
CA ASN A 138 2.48 9.44 -5.42
C ASN A 138 2.91 8.72 -4.16
N TYR A 139 2.69 9.37 -3.03
CA TYR A 139 3.21 8.93 -1.76
C TYR A 139 2.11 9.00 -0.70
N MET A 140 1.99 7.93 0.09
CA MET A 140 1.12 7.96 1.27
C MET A 140 1.82 7.31 2.45
N ALA A 141 1.72 7.90 3.64
CA ALA A 141 2.37 7.27 4.81
C ALA A 141 1.45 7.40 6.01
N ALA A 142 1.36 6.34 6.83
CA ALA A 142 0.61 6.43 8.07
C ALA A 142 1.60 6.56 9.22
N ASP A 143 1.24 7.28 10.27
CA ASP A 143 2.10 7.41 11.42
C ASP A 143 1.19 7.48 12.65
N GLY A 144 1.73 7.20 13.82
CA GLY A 144 0.92 7.41 15.00
C GLY A 144 0.00 6.22 15.27
N ASP A 145 -1.12 6.50 15.92
CA ASP A 145 -1.92 5.41 16.47
C ASP A 145 -2.96 4.92 15.47
N PHE A 146 -2.48 4.63 14.27
CA PHE A 146 -3.36 4.19 13.14
C PHE A 146 -2.71 3.09 12.33
N LYS A 147 -3.28 1.89 12.39
CA LYS A 147 -2.79 0.72 11.65
C LYS A 147 -3.58 0.50 10.36
N ILE A 148 -2.96 0.72 9.20
CA ILE A 148 -3.71 0.54 7.92
C ILE A 148 -3.99 -0.93 7.67
N LYS A 149 -5.25 -1.22 7.36
CA LYS A 149 -5.71 -2.59 7.10
C LYS A 149 -6.01 -2.83 5.63
N VAL A 151 -6.02 -0.69 1.59
CA VAL A 151 -5.89 0.48 0.69
C VAL A 151 -6.45 0.14 -0.65
N ALA A 152 -7.27 1.02 -1.21
CA ALA A 152 -7.85 0.79 -2.53
C ALA A 152 -7.73 2.00 -3.42
N PHE A 153 -7.66 1.75 -4.73
CA PHE A 153 -7.58 2.82 -5.72
C PHE A 153 -8.76 2.72 -6.68
N ASP A 154 -9.38 3.87 -6.93
CA ASP A 154 -10.55 3.96 -7.79
C ASP A 154 -10.45 5.18 -8.70
N CYS B 22 8.13 2.21 -12.23
CA CYS B 22 7.55 0.91 -11.90
C CYS B 22 6.16 1.06 -11.28
N GLY B 23 5.73 0.01 -10.58
CA GLY B 23 4.41 -0.02 -9.98
C GLY B 23 4.46 0.29 -8.50
N LEU B 24 3.38 -0.04 -7.79
CA LEU B 24 3.27 0.27 -6.37
C LEU B 24 4.37 -0.34 -5.52
N VAL B 25 4.89 0.45 -4.58
CA VAL B 25 5.85 -0.06 -3.61
C VAL B 25 5.29 0.23 -2.24
N ALA B 26 5.22 -0.78 -1.39
CA ALA B 26 4.77 -0.53 -0.03
C ALA B 26 5.83 -0.98 0.96
N SER B 27 6.11 -0.17 1.98
CA SER B 27 7.11 -0.59 2.97
C SER B 27 6.61 -0.43 4.41
N ASN B 28 7.40 -0.92 5.35
CA ASN B 28 6.96 -1.04 6.77
C ASN B 28 5.68 -1.84 6.93
N LEU B 29 5.53 -2.88 6.13
CA LEU B 29 4.32 -3.69 6.20
C LEU B 29 4.19 -4.46 7.52
N ASN B 30 5.34 -4.83 8.10
CA ASN B 30 5.35 -5.67 9.31
C ASN B 30 4.39 -6.90 9.27
N LEU B 31 4.31 -7.60 8.13
CA LEU B 31 3.47 -8.79 8.05
C LEU B 31 4.17 -9.98 8.71
N LYS B 32 3.61 -10.49 9.80
CA LYS B 32 4.22 -11.54 10.61
C LYS B 32 3.79 -12.90 10.08
N PRO B 33 4.47 -13.99 10.50
CA PRO B 33 4.05 -15.32 10.06
C PRO B 33 2.57 -15.55 10.29
N GLY B 34 1.89 -16.11 9.31
CA GLY B 34 0.49 -16.44 9.49
C GLY B 34 -0.48 -15.35 9.13
N GLU B 35 -0.01 -14.10 9.02
CA GLU B 35 -0.88 -12.99 8.64
C GLU B 35 -1.02 -12.98 7.12
N LEU B 37 -1.49 -11.37 3.30
CA LEU B 37 -1.41 -10.23 2.40
C LEU B 37 -2.25 -10.50 1.16
N ARG B 38 -3.28 -9.68 0.94
CA ARG B 38 -4.15 -9.83 -0.23
C ARG B 38 -3.96 -8.71 -1.22
N VAL B 39 -3.76 -9.08 -2.48
CA VAL B 39 -3.51 -8.07 -3.49
C VAL B 39 -4.45 -8.36 -4.66
N ARG B 40 -5.22 -7.35 -5.08
CA ARG B 40 -6.12 -7.51 -6.21
C ARG B 40 -5.75 -6.49 -7.28
N GLY B 41 -5.69 -6.92 -8.54
CA GLY B 41 -5.32 -6.02 -9.62
C GLY B 41 -5.89 -6.41 -10.96
N GLU B 42 -5.72 -5.54 -11.95
CA GLU B 42 -6.24 -5.84 -13.27
C GLU B 42 -5.08 -6.25 -14.17
N VAL B 43 -5.22 -7.43 -14.77
CA VAL B 43 -4.22 -7.91 -15.72
C VAL B 43 -4.48 -7.25 -17.08
N ALA B 44 -3.49 -6.56 -17.65
CA ALA B 44 -3.70 -5.86 -18.93
C ALA B 44 -4.17 -6.83 -20.01
N PRO B 45 -5.04 -6.37 -20.94
CA PRO B 45 -5.48 -7.27 -22.02
C PRO B 45 -4.31 -7.82 -22.85
N ASP B 46 -3.24 -7.03 -22.99
CA ASP B 46 -2.09 -7.47 -23.76
C ASP B 46 -0.88 -7.79 -22.87
N ALA B 47 -1.15 -8.15 -21.62
CA ALA B 47 -0.12 -8.38 -20.60
C ALA B 47 0.98 -9.32 -21.11
N LYS B 48 2.24 -8.97 -20.85
CA LYS B 48 3.37 -9.85 -21.16
C LYS B 48 3.83 -10.55 -19.87
N SER B 49 3.81 -9.85 -18.75
CA SER B 49 4.13 -10.47 -17.45
C SER B 49 3.88 -9.48 -16.33
N PHE B 50 3.79 -9.99 -15.10
CA PHE B 50 3.81 -9.04 -13.97
C PHE B 50 4.55 -9.67 -12.82
N VAL B 51 4.91 -8.85 -11.83
CA VAL B 51 5.77 -9.26 -10.73
C VAL B 51 5.19 -8.76 -9.42
N LEU B 52 5.17 -9.63 -8.42
CA LEU B 52 4.97 -9.15 -7.06
C LEU B 52 6.23 -9.59 -6.30
N ASN B 53 6.94 -8.61 -5.75
CA ASN B 53 8.15 -8.90 -4.95
C ASN B 53 7.87 -8.68 -3.47
N LEU B 54 8.22 -9.65 -2.64
CA LEU B 54 7.98 -9.52 -1.19
C LEU B 54 9.23 -9.82 -0.43
N GLY B 55 9.53 -9.01 0.56
CA GLY B 55 10.66 -9.34 1.40
C GLY B 55 10.96 -8.17 2.32
N LYS B 56 12.25 -7.85 2.39
CA LYS B 56 12.76 -6.77 3.26
C LYS B 56 12.98 -5.50 2.50
N ASP B 57 13.54 -5.63 1.31
CA ASP B 57 13.84 -4.50 0.44
C ASP B 57 14.13 -5.05 -0.94
N SER B 58 14.50 -4.19 -1.87
CA SER B 58 14.63 -4.63 -3.25
C SER B 58 15.76 -5.67 -3.49
N ASN B 59 16.67 -5.77 -2.54
CA ASN B 59 17.77 -6.73 -2.66
C ASN B 59 17.54 -8.01 -1.88
N ASN B 60 16.47 -8.05 -1.11
CA ASN B 60 16.24 -9.16 -0.20
C ASN B 60 14.81 -9.56 -0.26
N LEU B 61 14.54 -10.50 -1.17
CA LEU B 61 13.16 -10.93 -1.45
C LEU B 61 12.94 -12.39 -1.07
N LEU B 63 10.12 -13.76 -1.69
CA LEU B 63 9.35 -14.22 -2.85
C LEU B 63 9.35 -13.19 -3.97
N HIS B 64 9.85 -13.62 -5.11
CA HIS B 64 9.68 -12.96 -6.38
C HIS B 64 8.67 -13.82 -7.15
N PHE B 65 7.49 -13.28 -7.36
CA PHE B 65 6.34 -13.98 -7.96
C PHE B 65 6.08 -13.38 -9.33
N ASN B 66 6.38 -14.15 -10.38
CA ASN B 66 6.41 -13.59 -11.73
C ASN B 66 5.62 -14.41 -12.76
N PRO B 67 4.30 -14.16 -12.86
CA PRO B 67 3.54 -14.80 -13.95
C PRO B 67 3.97 -14.26 -15.29
N ARG B 68 4.40 -15.15 -16.18
CA ARG B 68 4.84 -14.70 -17.48
C ARG B 68 3.85 -15.18 -18.51
N PHE B 69 3.13 -14.24 -19.09
CA PHE B 69 2.23 -14.55 -20.18
C PHE B 69 3.00 -14.81 -21.47
N ASN B 70 3.91 -13.90 -21.79
CA ASN B 70 4.75 -13.98 -22.97
C ASN B 70 5.96 -13.10 -22.74
N ALA B 71 6.95 -13.62 -22.03
CA ALA B 71 8.13 -12.85 -21.63
C ALA B 71 9.34 -13.75 -21.38
N HIS B 72 10.52 -13.24 -21.72
CA HIS B 72 11.79 -13.94 -21.48
C HIS B 72 11.81 -15.33 -22.12
N GLY B 73 11.02 -15.50 -23.18
CA GLY B 73 10.97 -16.76 -23.89
C GLY B 73 9.92 -17.73 -23.36
N ASP B 74 9.30 -17.38 -22.24
CA ASP B 74 8.28 -18.23 -21.61
C ASP B 74 6.86 -17.79 -21.94
N ALA B 75 5.94 -18.73 -21.95
CA ALA B 75 4.54 -18.42 -22.16
C ALA B 75 3.68 -19.10 -21.10
N ASN B 76 2.70 -18.35 -20.57
CA ASN B 76 1.79 -18.83 -19.55
C ASN B 76 2.48 -19.72 -18.49
N THR B 77 3.52 -19.14 -17.89
CA THR B 77 4.31 -19.81 -16.86
C THR B 77 4.46 -18.95 -15.62
N ILE B 78 4.19 -19.55 -14.44
CA ILE B 78 4.51 -18.90 -13.16
C ILE B 78 5.97 -19.21 -12.77
N VAL B 79 6.74 -18.15 -12.66
CA VAL B 79 8.11 -18.25 -12.21
C VAL B 79 8.22 -17.72 -10.79
N ASN B 81 11.13 -17.03 -7.48
CA ASN B 81 12.49 -17.10 -7.01
C ASN B 81 12.62 -16.32 -5.72
N SER B 82 13.80 -16.39 -5.12
CA SER B 82 14.17 -15.55 -4.00
C SER B 82 15.29 -14.63 -4.44
N LYS B 83 15.59 -13.61 -3.65
CA LYS B 83 16.79 -12.85 -3.89
C LYS B 83 17.42 -12.51 -2.55
N ASP B 84 18.68 -12.83 -2.39
CA ASP B 84 19.28 -12.71 -1.06
C ASP B 84 20.54 -11.90 -1.20
N GLY B 85 20.54 -10.71 -0.62
CA GLY B 85 21.71 -9.87 -0.74
C GLY B 85 22.05 -9.58 -2.18
N GLY B 86 21.02 -9.39 -3.00
CA GLY B 86 21.21 -8.97 -4.37
C GLY B 86 21.29 -10.15 -5.34
N ALA B 87 21.40 -11.34 -4.79
CA ALA B 87 21.61 -12.54 -5.62
C ALA B 87 20.35 -13.34 -5.83
N TRP B 88 19.97 -13.55 -7.10
CA TRP B 88 18.86 -14.45 -7.40
C TRP B 88 19.17 -15.84 -6.89
N GLY B 89 18.19 -16.50 -6.27
CA GLY B 89 18.37 -17.91 -5.87
C GLY B 89 18.07 -18.88 -7.01
N THR B 90 17.74 -20.12 -6.65
CA THR B 90 17.39 -21.10 -7.68
C THR B 90 15.92 -20.92 -8.06
N GLU B 91 15.68 -20.66 -9.33
CA GLU B 91 14.34 -20.43 -9.84
C GLU B 91 13.49 -21.70 -9.78
N GLN B 92 12.20 -21.54 -9.52
CA GLN B 92 11.21 -22.65 -9.60
C GLN B 92 9.99 -22.24 -10.41
N ARG B 93 9.38 -23.21 -11.08
CA ARG B 93 8.20 -22.91 -11.90
C ARG B 93 7.05 -23.81 -11.50
N GLU B 94 5.84 -23.27 -11.69
CA GLU B 94 4.65 -24.06 -11.40
C GLU B 94 4.07 -24.44 -12.77
N ALA B 95 3.38 -25.56 -12.83
CA ALA B 95 2.84 -26.02 -14.10
C ALA B 95 1.57 -25.26 -14.48
N VAL B 96 0.80 -24.88 -13.46
CA VAL B 96 -0.50 -24.25 -13.67
C VAL B 96 -0.44 -22.76 -13.95
N PHE B 97 -1.41 -22.23 -14.70
CA PHE B 97 -1.41 -20.79 -14.96
C PHE B 97 -2.83 -20.22 -14.95
N PRO B 98 -3.36 -19.93 -13.74
CA PRO B 98 -4.73 -19.43 -13.63
C PRO B 98 -4.83 -17.92 -13.67
N PHE B 99 -4.13 -17.33 -14.64
CA PHE B 99 -4.29 -15.90 -14.90
C PHE B 99 -4.76 -15.74 -16.34
N GLN B 100 -5.61 -14.77 -16.60
CA GLN B 100 -6.03 -14.49 -17.96
C GLN B 100 -5.81 -13.01 -18.24
N PRO B 101 -5.20 -12.69 -19.40
CA PRO B 101 -5.04 -11.26 -19.71
C PRO B 101 -6.39 -10.60 -19.80
N GLY B 102 -6.50 -9.34 -19.39
CA GLY B 102 -7.75 -8.62 -19.42
C GLY B 102 -8.75 -9.02 -18.33
N SER B 103 -8.26 -9.64 -17.27
CA SER B 103 -9.14 -10.05 -16.19
C SER B 103 -8.58 -9.49 -14.89
N VAL B 104 -9.42 -9.42 -13.86
CA VAL B 104 -8.96 -9.07 -12.52
C VAL B 104 -8.51 -10.30 -11.79
N ALA B 105 -7.34 -10.21 -11.15
CA ALA B 105 -6.75 -11.33 -10.42
C ALA B 105 -6.50 -10.96 -8.96
N GLU B 106 -6.76 -11.90 -8.06
CA GLU B 106 -6.40 -11.74 -6.65
C GLU B 106 -5.42 -12.80 -6.16
N VAL B 107 -4.41 -12.38 -5.39
CA VAL B 107 -3.41 -13.30 -4.83
C VAL B 107 -3.35 -13.07 -3.33
N ILE B 109 -1.11 -14.04 0.09
CA ILE B 109 0.18 -14.65 0.44
C ILE B 109 0.34 -14.66 1.94
N THR B 110 0.87 -15.75 2.46
CA THR B 110 1.26 -15.84 3.86
C THR B 110 2.56 -16.63 3.95
N PHE B 111 3.18 -16.66 5.12
CA PHE B 111 4.40 -17.49 5.28
C PHE B 111 4.55 -18.04 6.68
N ASP B 112 5.33 -19.11 6.79
CA ASP B 112 5.84 -19.59 8.07
C ASP B 112 7.35 -19.78 7.91
N GLN B 113 8.05 -20.33 8.90
CA GLN B 113 9.50 -20.43 8.78
C GLN B 113 9.94 -21.36 7.62
N ALA B 114 9.06 -22.25 7.16
CA ALA B 114 9.47 -23.25 6.14
C ALA B 114 9.12 -22.80 4.74
N ASN B 115 7.90 -22.27 4.55
CA ASN B 115 7.41 -21.95 3.20
C ASN B 115 6.64 -20.65 3.14
N LEU B 116 6.64 -20.04 1.96
CA LEU B 116 5.59 -19.08 1.59
C LEU B 116 4.42 -19.88 1.04
N THR B 117 3.19 -19.42 1.28
CA THR B 117 2.03 -20.10 0.69
C THR B 117 1.30 -19.05 -0.12
N VAL B 118 1.13 -19.35 -1.40
CA VAL B 118 0.49 -18.41 -2.31
C VAL B 118 -0.85 -18.99 -2.75
N LYS B 119 -1.94 -18.30 -2.45
CA LYS B 119 -3.24 -18.82 -2.88
C LYS B 119 -3.64 -17.95 -4.08
N LEU B 120 -4.09 -18.66 -5.12
CA LEU B 120 -4.29 -18.12 -6.44
C LEU B 120 -5.79 -18.03 -6.74
N PRO B 121 -6.17 -17.29 -7.81
CA PRO B 121 -7.61 -17.07 -8.06
C PRO B 121 -8.50 -18.30 -8.05
N ASP B 122 -8.15 -19.30 -8.86
CA ASP B 122 -8.99 -20.47 -9.02
C ASP B 122 -9.04 -21.34 -7.76
N GLY B 123 -8.27 -20.97 -6.74
CA GLY B 123 -8.31 -21.77 -5.53
C GLY B 123 -7.05 -22.60 -5.51
N TYR B 124 -6.22 -22.38 -6.51
CA TYR B 124 -4.95 -23.09 -6.49
C TYR B 124 -4.05 -22.45 -5.46
N GLU B 125 -3.22 -23.30 -4.90
CA GLU B 125 -2.35 -22.96 -3.81
C GLU B 125 -1.01 -23.62 -4.03
N PHE B 126 0.06 -22.85 -4.03
CA PHE B 126 1.36 -23.49 -4.07
C PHE B 126 2.25 -22.92 -2.99
N LYS B 127 3.30 -23.66 -2.68
CA LYS B 127 4.27 -23.27 -1.69
C LYS B 127 5.61 -23.01 -2.33
N PHE B 128 6.34 -22.08 -1.75
CA PHE B 128 7.67 -21.77 -2.23
C PHE B 128 8.57 -21.73 -0.99
N PRO B 129 9.72 -22.43 -1.04
CA PRO B 129 10.50 -22.52 0.19
C PRO B 129 10.92 -21.12 0.73
N ASN B 130 10.84 -20.93 2.04
CA ASN B 130 11.29 -19.69 2.69
C ASN B 130 12.80 -19.73 2.86
N ARG B 131 13.53 -19.02 2.01
CA ARG B 131 15.00 -19.12 1.98
C ARG B 131 15.71 -18.04 2.80
N LEU B 132 14.95 -17.02 3.21
CA LEU B 132 15.58 -15.86 3.86
C LEU B 132 15.45 -15.73 5.38
N ASN B 133 14.52 -16.41 6.03
CA ASN B 133 14.58 -16.36 7.51
C ASN B 133 14.25 -14.93 8.06
N LEU B 134 13.43 -14.17 7.36
CA LEU B 134 13.10 -12.83 7.84
C LEU B 134 12.02 -12.93 8.93
N GLU B 135 12.03 -12.02 9.90
CA GLU B 135 11.03 -12.01 10.96
C GLU B 135 9.64 -11.65 10.42
N ALA B 136 9.63 -10.79 9.40
CA ALA B 136 8.38 -10.25 8.83
C ALA B 136 8.55 -9.92 7.36
N ILE B 137 7.45 -9.87 6.60
CA ILE B 137 7.50 -9.24 5.29
C ILE B 137 7.29 -7.76 5.49
N ASN B 138 8.29 -6.93 5.17
CA ASN B 138 8.13 -5.49 5.37
C ASN B 138 7.99 -4.72 4.08
N TYR B 139 8.26 -5.38 2.97
CA TYR B 139 8.33 -4.73 1.67
C TYR B 139 7.55 -5.50 0.61
N MET B 140 6.75 -4.76 -0.17
CA MET B 140 6.14 -5.34 -1.37
C MET B 140 6.33 -4.41 -2.53
N ALA B 141 6.67 -4.94 -3.70
CA ALA B 141 6.73 -4.07 -4.87
C ALA B 141 6.04 -4.80 -5.99
N ALA B 142 5.20 -4.08 -6.73
CA ALA B 142 4.57 -4.63 -7.92
C ALA B 142 5.18 -4.03 -9.15
N ASP B 143 5.28 -4.81 -10.22
CA ASP B 143 5.78 -4.28 -11.47
C ASP B 143 5.07 -4.98 -12.63
N GLY B 144 5.12 -4.36 -13.81
CA GLY B 144 4.58 -5.00 -15.00
C GLY B 144 3.11 -4.77 -15.25
N ASP B 145 2.52 -5.72 -15.94
CA ASP B 145 1.22 -5.55 -16.61
C ASP B 145 0.07 -5.92 -15.68
N PHE B 146 0.10 -5.34 -14.48
CA PHE B 146 -0.85 -5.62 -13.42
C PHE B 146 -1.15 -4.32 -12.67
N LYS B 147 -2.36 -3.78 -12.83
CA LYS B 147 -2.74 -2.53 -12.17
C LYS B 147 -3.40 -2.83 -10.85
N ILE B 148 -2.71 -2.52 -9.75
CA ILE B 148 -3.23 -2.85 -8.43
C ILE B 148 -4.42 -2.00 -8.04
N LYS B 149 -5.47 -2.67 -7.58
CA LYS B 149 -6.72 -2.03 -7.19
C LYS B 149 -6.97 -2.02 -5.67
N VAL B 151 -5.10 -3.49 -1.76
CA VAL B 151 -4.15 -4.30 -0.97
C VAL B 151 -4.71 -4.36 0.46
N ALA B 152 -4.77 -5.56 1.05
CA ALA B 152 -5.33 -5.69 2.39
C ALA B 152 -4.41 -6.53 3.27
N PHE B 153 -4.39 -6.21 4.56
CA PHE B 153 -3.64 -6.93 5.61
C PHE B 153 -4.58 -7.40 6.73
N ASP B 154 -4.27 -8.52 7.38
CA ASP B 154 -5.07 -8.97 8.52
C ASP B 154 -4.17 -9.31 9.70
#